data_4E7I
#
_entry.id   4E7I
#
_cell.length_a   160.150
_cell.length_b   160.150
_cell.length_c   124.240
_cell.angle_alpha   90.00
_cell.angle_beta   90.00
_cell.angle_gamma   90.00
#
_symmetry.space_group_name_H-M   'P 41 21 2'
#
loop_
_entity.id
_entity.type
_entity.pdbx_description
1 polymer 'Pro-Pol polyprotein'
2 polymer "DNA (5'-D(*AP*TP*TP*GP*TP*CP*AP*TP*GP*GP*AP*AP*TP*TP*TP*CP*GP*CP*A)-3')"
3 polymer "DNA (5'-D(*TP*GP*CP*GP*AP*AP*AP*TP*TP*CP*CP*AP*TP*GP*AP*CP*AP*AP*T)-3')"
4 non-polymer 'ZINC ION'
5 non-polymer 'MANGANESE (II) ION'
6 non-polymer 'SULFATE ION'
7 non-polymer GLYCEROL
8 non-polymer '2-(N-MORPHOLINO)-ETHANESULFONIC ACID'
9 non-polymer HEXANE-1,6-DIOL
10 water water
#
loop_
_entity_poly.entity_id
_entity_poly.type
_entity_poly.pdbx_seq_one_letter_code
_entity_poly.pdbx_strand_id
1 'polypeptide(L)'
;GPGCNTKKPNLDAELDQLLQGHYIKGYPKQYTYFLEDGKVKVSRPEGVKIIPPQSDRQKIVLQAHNLAHTGREATLLKIA
NLYWWPNMRKDVVKQLGRCQQCLITNASNKASGPILRPDRPQKPFDKFFIDYIGPLPPSQGYLYVLVVVDGMTGFTWLYP
TKAPSTSATVKSLNVLTSIAIPKVIHSDQGAAFTSSTFAEWAKERGIHLEFSTPYHPQSSGKVERKNSDIKRLLTKLLVG
RPTKWYDLLPVVQLALNNTYSPVLKYTPHQLLFGIDSNTPFANQDTLDLTREEELSLLQEIRTSLYHPSTPPASSRSWSP
VVGQLVQERVARPASLRPRWHKPSTVLKVLNPRTVVILDHLGNNRTVSIDNLKPTSHQNGTTNDTATMDHLEKNE
;
A,B
2 'polydeoxyribonucleotide' (DA)(DT)(DT)(DG)(DT)(DC)(DA)(DT)(DG)(DG)(DA)(DA)(DT)(DT)(DT)(DC)(DG)(DC)(DA) C
3 'polydeoxyribonucleotide' (DT)(DG)(DC)(DG)(DA)(DA)(DA)(DT)(DT)(DC)(DC)(DA)(DT)(DG)(DA)(DC)(DA)(DA)(DT) D
#
loop_
_chem_comp.id
_chem_comp.type
_chem_comp.name
_chem_comp.formula
DA DNA linking 2'-DEOXYADENOSINE-5'-MONOPHOSPHATE 'C10 H14 N5 O6 P'
DC DNA linking 2'-DEOXYCYTIDINE-5'-MONOPHOSPHATE 'C9 H14 N3 O7 P'
DG DNA linking 2'-DEOXYGUANOSINE-5'-MONOPHOSPHATE 'C10 H14 N5 O7 P'
DT DNA linking THYMIDINE-5'-MONOPHOSPHATE 'C10 H15 N2 O8 P'
GOL non-polymer GLYCEROL 'C3 H8 O3'
HEZ non-polymer HEXANE-1,6-DIOL 'C6 H14 O2'
MES non-polymer '2-(N-MORPHOLINO)-ETHANESULFONIC ACID' 'C6 H13 N O4 S'
MN non-polymer 'MANGANESE (II) ION' 'Mn 2'
SO4 non-polymer 'SULFATE ION' 'O4 S -2'
ZN non-polymer 'ZINC ION' 'Zn 2'
#
# COMPACT_ATOMS: atom_id res chain seq x y z
N LEU A 11 41.05 -25.17 39.77
CA LEU A 11 41.97 -24.05 39.51
C LEU A 11 43.44 -24.42 39.81
N ASP A 12 43.88 -24.21 41.06
CA ASP A 12 45.25 -24.54 41.44
C ASP A 12 45.34 -25.99 41.99
N ALA A 13 44.19 -26.59 42.26
CA ALA A 13 44.13 -28.00 42.63
C ALA A 13 44.42 -28.85 41.39
N GLU A 14 43.62 -28.62 40.34
CA GLU A 14 43.79 -29.30 39.06
C GLU A 14 45.23 -29.17 38.59
N LEU A 15 45.76 -27.95 38.63
CA LEU A 15 47.13 -27.66 38.23
C LEU A 15 48.17 -28.41 39.07
N ASP A 16 47.84 -28.71 40.32
CA ASP A 16 48.76 -29.42 41.20
C ASP A 16 48.96 -30.85 40.70
N GLN A 17 47.84 -31.57 40.58
CA GLN A 17 47.83 -32.95 40.09
C GLN A 17 48.64 -33.09 38.81
N LEU A 18 48.55 -32.06 37.99
CA LEU A 18 49.12 -32.08 36.67
C LEU A 18 50.64 -32.04 36.75
N LEU A 19 51.14 -31.37 37.78
CA LEU A 19 52.58 -31.14 37.88
C LEU A 19 53.35 -32.43 38.19
N GLN A 20 52.71 -33.35 38.90
CA GLN A 20 53.34 -34.61 39.23
C GLN A 20 53.02 -35.72 38.23
N GLY A 21 52.53 -35.34 37.06
CA GLY A 21 52.35 -36.27 35.95
C GLY A 21 51.06 -37.08 35.93
N HIS A 22 50.12 -36.77 36.82
CA HIS A 22 48.84 -37.45 36.86
C HIS A 22 47.86 -36.86 35.84
N TYR A 23 47.27 -37.73 35.01
CA TYR A 23 46.43 -37.28 33.89
C TYR A 23 45.16 -36.53 34.27
N ILE A 24 44.98 -35.31 33.75
CA ILE A 24 43.68 -34.60 33.86
C ILE A 24 42.97 -34.53 32.51
N LYS A 25 41.66 -34.78 32.48
CA LYS A 25 40.91 -34.73 31.23
C LYS A 25 41.00 -33.35 30.61
N GLY A 26 41.40 -33.29 29.35
CA GLY A 26 41.57 -32.03 28.66
C GLY A 26 43.02 -31.65 28.44
N TYR A 27 43.87 -31.97 29.41
CA TYR A 27 45.30 -31.75 29.27
C TYR A 27 45.92 -32.99 28.66
N PRO A 28 46.35 -32.89 27.39
CA PRO A 28 46.96 -34.02 26.67
C PRO A 28 48.14 -34.57 27.46
N LYS A 29 48.20 -35.89 27.66
CA LYS A 29 49.24 -36.52 28.49
C LYS A 29 50.64 -36.35 27.93
N GLN A 30 50.75 -36.27 26.61
CA GLN A 30 52.04 -36.32 25.93
C GLN A 30 52.85 -35.04 26.07
N TYR A 31 52.36 -34.08 26.83
CA TYR A 31 53.08 -32.83 26.99
C TYR A 31 53.75 -32.73 28.35
N THR A 32 54.82 -31.95 28.42
CA THR A 32 55.55 -31.75 29.67
C THR A 32 55.09 -30.49 30.44
N TYR A 33 54.21 -30.70 31.42
CA TYR A 33 53.66 -29.62 32.23
C TYR A 33 54.50 -29.28 33.47
N PHE A 34 55.37 -28.28 33.36
CA PHE A 34 56.24 -27.94 34.47
C PHE A 34 55.88 -26.68 35.27
N LEU A 35 56.81 -26.22 36.11
CA LEU A 35 56.64 -25.00 36.91
C LEU A 35 57.88 -24.11 36.87
N GLU A 36 57.67 -22.80 36.91
CA GLU A 36 58.72 -21.81 36.71
C GLU A 36 58.16 -20.42 36.96
N ASP A 37 58.90 -19.61 37.70
CA ASP A 37 58.49 -18.25 38.05
C ASP A 37 57.15 -18.17 38.80
N GLY A 38 56.74 -19.30 39.38
CA GLY A 38 55.52 -19.34 40.16
C GLY A 38 54.33 -19.68 39.30
N LYS A 39 54.57 -19.87 38.01
CA LYS A 39 53.49 -20.10 37.07
C LYS A 39 53.59 -21.51 36.48
N VAL A 40 52.46 -22.23 36.43
CA VAL A 40 52.45 -23.49 35.69
C VAL A 40 52.63 -23.20 34.19
N LYS A 41 53.57 -23.87 33.54
CA LYS A 41 53.77 -23.71 32.10
C LYS A 41 53.71 -25.04 31.36
N VAL A 42 53.76 -24.98 30.05
CA VAL A 42 53.75 -26.17 29.20
C VAL A 42 54.49 -25.85 27.91
N SER A 43 55.25 -26.81 27.40
CA SER A 43 55.93 -26.59 26.14
C SER A 43 55.07 -27.12 25.01
N ARG A 44 54.57 -26.19 24.20
CA ARG A 44 53.69 -26.53 23.10
C ARG A 44 54.39 -26.25 21.78
N PRO A 45 53.96 -26.94 20.72
CA PRO A 45 54.60 -26.80 19.40
C PRO A 45 54.83 -25.33 19.05
N GLU A 46 53.91 -24.47 19.44
CA GLU A 46 54.01 -23.04 19.15
C GLU A 46 54.98 -22.32 20.09
N GLY A 47 55.44 -23.03 21.12
CA GLY A 47 56.29 -22.42 22.13
C GLY A 47 55.74 -22.62 23.53
N VAL A 48 56.34 -21.92 24.49
CA VAL A 48 56.00 -22.14 25.89
C VAL A 48 54.92 -21.18 26.35
N LYS A 49 53.82 -21.73 26.87
CA LYS A 49 52.67 -20.94 27.28
C LYS A 49 52.38 -21.12 28.75
N ILE A 50 51.83 -20.09 29.37
CA ILE A 50 51.40 -20.18 30.75
C ILE A 50 50.03 -20.85 30.84
N ILE A 51 49.87 -21.76 31.77
CA ILE A 51 48.54 -22.30 32.02
C ILE A 51 47.99 -21.63 33.23
N PRO A 52 47.01 -20.74 33.05
CA PRO A 52 46.46 -20.12 34.23
C PRO A 52 45.48 -21.09 34.88
N PRO A 53 45.25 -20.94 36.19
CA PRO A 53 44.24 -21.72 36.88
C PRO A 53 42.89 -21.34 36.36
N GLN A 54 41.94 -22.27 36.41
CA GLN A 54 40.57 -22.04 36.01
C GLN A 54 40.01 -20.71 36.51
N SER A 55 40.37 -20.36 37.73
CA SER A 55 39.83 -19.17 38.40
C SER A 55 40.34 -17.84 37.83
N ASP A 56 41.31 -17.90 36.92
CA ASP A 56 41.89 -16.69 36.36
C ASP A 56 41.45 -16.44 34.93
N ARG A 57 40.93 -17.50 34.32
CA ARG A 57 40.65 -17.55 32.90
C ARG A 57 39.59 -16.58 32.39
N GLN A 58 38.50 -16.42 33.11
CA GLN A 58 37.47 -15.53 32.63
C GLN A 58 37.95 -14.08 32.59
N LYS A 59 38.82 -13.71 33.54
CA LYS A 59 39.34 -12.35 33.66
C LYS A 59 40.31 -12.10 32.52
N ILE A 60 41.08 -13.13 32.21
CA ILE A 60 42.01 -13.09 31.09
C ILE A 60 41.27 -12.91 29.75
N VAL A 61 40.26 -13.73 29.51
CA VAL A 61 39.52 -13.68 28.26
C VAL A 61 38.88 -12.31 28.12
N LEU A 62 38.45 -11.77 29.24
CA LEU A 62 37.84 -10.47 29.25
C LEU A 62 38.84 -9.35 28.96
N GLN A 63 40.05 -9.44 29.50
CA GLN A 63 41.03 -8.39 29.24
C GLN A 63 41.41 -8.37 27.77
N ALA A 64 41.58 -9.56 27.20
CA ALA A 64 41.94 -9.68 25.81
C ALA A 64 40.81 -9.15 24.93
N HIS A 65 39.59 -9.63 25.17
CA HIS A 65 38.45 -9.18 24.38
C HIS A 65 38.28 -7.67 24.46
N ASN A 66 38.45 -7.08 25.63
CA ASN A 66 38.18 -5.66 25.84
C ASN A 66 39.15 -4.67 25.18
N LEU A 67 40.33 -5.13 24.78
CA LEU A 67 41.30 -4.24 24.15
C LEU A 67 40.65 -3.55 22.95
N ALA A 68 39.99 -4.32 22.09
CA ALA A 68 39.31 -3.71 20.95
C ALA A 68 37.94 -4.32 20.67
N HIS A 69 37.37 -4.97 21.67
CA HIS A 69 36.07 -5.65 21.56
C HIS A 69 36.02 -6.55 20.34
N THR A 70 37.04 -7.39 20.23
CA THR A 70 37.23 -8.31 19.10
C THR A 70 36.40 -9.59 19.16
N GLY A 71 36.19 -10.22 18.00
CA GLY A 71 35.39 -11.44 17.91
C GLY A 71 36.20 -12.67 18.28
N ARG A 72 35.73 -13.84 17.87
CA ARG A 72 36.31 -15.11 18.34
C ARG A 72 37.80 -15.26 18.03
N GLU A 73 38.17 -15.29 16.75
CA GLU A 73 39.58 -15.48 16.39
C GLU A 73 40.49 -14.36 16.86
N ALA A 74 40.05 -13.12 16.70
CA ALA A 74 40.93 -12.01 17.01
C ALA A 74 41.15 -11.91 18.51
N THR A 75 40.17 -12.33 19.30
CA THR A 75 40.37 -12.44 20.74
C THR A 75 41.30 -13.63 21.04
N LEU A 76 41.04 -14.79 20.45
CA LEU A 76 41.91 -15.94 20.71
C LEU A 76 43.41 -15.70 20.42
N LEU A 77 43.70 -15.03 19.30
CA LEU A 77 45.09 -14.82 18.90
C LEU A 77 45.84 -13.96 19.90
N LYS A 78 45.11 -13.07 20.58
CA LYS A 78 45.74 -12.29 21.64
C LYS A 78 46.10 -13.23 22.76
N ILE A 79 45.08 -13.89 23.31
CA ILE A 79 45.27 -14.78 24.43
C ILE A 79 46.40 -15.76 24.17
N ALA A 80 46.37 -16.42 23.01
CA ALA A 80 47.35 -17.47 22.71
C ALA A 80 48.79 -17.00 22.69
N ASN A 81 49.01 -15.70 22.73
CA ASN A 81 50.37 -15.22 22.79
C ASN A 81 51.05 -15.56 24.12
N LEU A 82 50.28 -15.53 25.20
CA LEU A 82 50.79 -15.82 26.52
C LEU A 82 50.33 -17.18 27.08
N TYR A 83 49.08 -17.55 26.81
CA TYR A 83 48.50 -18.67 27.53
C TYR A 83 48.10 -19.85 26.68
N TRP A 84 47.98 -21.00 27.34
CA TRP A 84 47.31 -22.16 26.76
C TRP A 84 46.44 -22.76 27.84
N TRP A 85 45.27 -23.26 27.45
CA TRP A 85 44.48 -24.11 28.33
C TRP A 85 43.47 -24.93 27.52
N PRO A 86 42.83 -25.93 28.12
CA PRO A 86 41.95 -26.73 27.26
C PRO A 86 40.75 -25.92 26.80
N ASN A 87 40.43 -26.03 25.51
CA ASN A 87 39.19 -25.48 24.94
C ASN A 87 39.02 -23.97 25.15
N MET A 88 40.04 -23.20 24.76
CA MET A 88 40.04 -21.77 24.97
C MET A 88 38.89 -21.05 24.26
N ARG A 89 38.61 -21.44 23.02
CA ARG A 89 37.57 -20.77 22.27
C ARG A 89 36.24 -20.92 22.98
N LYS A 90 36.07 -21.97 23.76
CA LYS A 90 34.79 -22.12 24.44
C LYS A 90 34.64 -21.02 25.45
N ASP A 91 35.74 -20.67 26.12
CA ASP A 91 35.67 -19.59 27.10
C ASP A 91 35.56 -18.23 26.38
N VAL A 92 36.14 -18.14 25.18
CA VAL A 92 36.11 -16.90 24.44
C VAL A 92 34.68 -16.64 24.01
N VAL A 93 34.05 -17.65 23.43
CA VAL A 93 32.71 -17.54 22.92
C VAL A 93 31.73 -17.25 24.06
N LYS A 94 32.02 -17.77 25.24
CA LYS A 94 31.15 -17.55 26.38
C LYS A 94 31.13 -16.06 26.69
N GLN A 95 32.29 -15.42 26.62
CA GLN A 95 32.40 -14.00 26.86
C GLN A 95 31.75 -13.13 25.78
N LEU A 96 31.98 -13.47 24.50
CA LEU A 96 31.37 -12.70 23.42
C LEU A 96 29.87 -12.69 23.61
N GLY A 97 29.30 -13.85 23.96
CA GLY A 97 27.87 -13.96 24.19
C GLY A 97 27.33 -13.15 25.37
N ARG A 98 28.22 -12.60 26.19
CA ARG A 98 27.84 -11.75 27.32
C ARG A 98 28.35 -10.32 27.22
N CYS A 99 29.07 -9.98 26.15
CA CYS A 99 29.43 -8.58 26.02
C CYS A 99 28.26 -7.78 25.43
N GLN A 100 27.60 -6.99 26.26
CA GLN A 100 26.45 -6.24 25.83
C GLN A 100 26.82 -5.31 24.68
N GLN A 101 27.97 -4.66 24.80
CA GLN A 101 28.42 -3.66 23.82
C GLN A 101 28.64 -4.29 22.44
N CYS A 102 29.28 -5.45 22.40
CA CYS A 102 29.39 -6.17 21.12
C CYS A 102 28.06 -6.61 20.54
N LEU A 103 27.14 -7.09 21.38
CA LEU A 103 25.89 -7.66 20.90
C LEU A 103 25.00 -6.62 20.24
N ILE A 104 25.07 -5.38 20.72
CA ILE A 104 24.18 -4.37 20.20
C ILE A 104 24.86 -3.51 19.16
N THR A 105 26.18 -3.67 19.01
CA THR A 105 26.92 -2.86 18.07
C THR A 105 27.33 -3.59 16.80
N ASN A 106 27.75 -4.84 16.90
CA ASN A 106 28.11 -5.59 15.71
C ASN A 106 27.01 -5.79 14.66
N ALA A 107 27.45 -5.97 13.41
CA ALA A 107 26.55 -6.32 12.33
C ALA A 107 26.26 -7.82 12.41
N SER A 108 25.18 -8.24 11.78
CA SER A 108 24.87 -9.64 11.58
C SER A 108 25.66 -10.16 10.40
N ASN A 109 25.92 -11.45 10.35
CA ASN A 109 26.45 -12.01 9.13
C ASN A 109 25.55 -13.14 8.63
N LYS A 110 24.29 -13.15 9.09
CA LYS A 110 23.27 -14.06 8.57
C LYS A 110 22.19 -13.29 7.80
N ALA A 111 21.92 -13.70 6.57
CA ALA A 111 20.92 -13.03 5.75
C ALA A 111 19.49 -13.46 6.14
N SER A 112 18.50 -12.61 5.86
CA SER A 112 17.09 -13.01 5.96
C SER A 112 16.70 -14.16 5.03
N GLY A 113 15.77 -14.98 5.50
CA GLY A 113 15.21 -16.03 4.66
C GLY A 113 14.52 -15.44 3.44
N PRO A 114 14.27 -16.27 2.42
CA PRO A 114 13.72 -15.79 1.14
C PRO A 114 12.35 -15.13 1.28
N ILE A 115 12.10 -14.09 0.47
CA ILE A 115 10.84 -13.34 0.54
C ILE A 115 9.60 -14.18 0.20
N LEU A 116 8.45 -13.78 0.75
CA LEU A 116 7.15 -14.34 0.37
C LEU A 116 6.61 -13.56 -0.83
N ARG A 117 5.90 -14.26 -1.71
CA ARG A 117 5.17 -13.59 -2.78
C ARG A 117 3.69 -13.78 -2.51
N PRO A 118 3.11 -12.88 -1.70
CA PRO A 118 1.71 -13.07 -1.27
C PRO A 118 0.78 -13.16 -2.47
N ASP A 119 -0.26 -13.98 -2.38
CA ASP A 119 -1.27 -14.04 -3.43
C ASP A 119 -1.82 -12.70 -3.81
N ARG A 120 -2.00 -12.50 -5.12
CA ARG A 120 -2.64 -11.33 -5.66
C ARG A 120 -4.09 -11.37 -5.18
N PRO A 121 -4.61 -10.23 -4.69
CA PRO A 121 -6.02 -10.11 -4.29
C PRO A 121 -6.94 -10.68 -5.36
N GLN A 122 -7.99 -11.38 -4.96
CA GLN A 122 -8.80 -12.06 -5.96
C GLN A 122 -9.55 -11.09 -6.87
N LYS A 123 -10.02 -10.00 -6.29
CA LYS A 123 -10.86 -9.06 -6.99
C LYS A 123 -10.41 -7.61 -6.84
N PRO A 124 -10.71 -6.79 -7.86
CA PRO A 124 -10.60 -5.33 -7.71
C PRO A 124 -11.36 -4.93 -6.47
N PHE A 125 -10.81 -4.01 -5.69
CA PHE A 125 -11.43 -3.48 -4.47
C PHE A 125 -11.30 -4.39 -3.23
N ASP A 126 -10.70 -5.57 -3.38
CA ASP A 126 -10.40 -6.38 -2.19
C ASP A 126 -9.38 -5.68 -1.29
N LYS A 127 -8.30 -5.16 -1.90
CA LYS A 127 -7.25 -4.51 -1.14
C LYS A 127 -6.63 -3.33 -1.88
N PHE A 128 -6.65 -2.16 -1.25
CA PHE A 128 -5.93 -0.98 -1.76
C PHE A 128 -4.61 -0.90 -1.03
N PHE A 129 -3.55 -0.47 -1.71
CA PHE A 129 -2.30 -0.06 -1.06
C PHE A 129 -2.15 1.45 -1.22
N ILE A 130 -1.98 2.16 -0.12
CA ILE A 130 -1.84 3.60 -0.23
C ILE A 130 -0.55 4.11 0.38
N ASP A 131 -0.13 5.29 -0.07
CA ASP A 131 1.14 5.85 0.32
C ASP A 131 1.28 7.28 -0.15
N TYR A 132 2.23 8.01 0.44
CA TYR A 132 2.51 9.37 -0.05
C TYR A 132 3.83 9.40 -0.80
N ILE A 133 3.90 10.23 -1.83
CA ILE A 133 5.15 10.60 -2.45
C ILE A 133 5.39 12.07 -2.08
N GLY A 134 6.63 12.40 -1.71
CA GLY A 134 7.02 13.78 -1.51
C GLY A 134 7.89 13.95 -0.27
N PRO A 135 8.30 15.18 0.01
CA PRO A 135 7.87 16.38 -0.72
C PRO A 135 8.51 16.54 -2.11
N LEU A 136 7.68 16.99 -3.04
CA LEU A 136 8.09 17.33 -4.39
C LEU A 136 8.36 18.86 -4.49
N PRO A 137 9.00 19.31 -5.57
CA PRO A 137 9.09 20.78 -5.72
C PRO A 137 7.68 21.39 -5.75
N PRO A 138 7.49 22.52 -5.07
CA PRO A 138 6.13 23.08 -5.00
C PRO A 138 5.54 23.32 -6.37
N SER A 139 4.30 22.88 -6.56
CA SER A 139 3.59 23.10 -7.79
C SER A 139 2.18 23.54 -7.42
N GLN A 140 1.85 24.79 -7.73
CA GLN A 140 0.57 25.39 -7.34
C GLN A 140 0.21 25.16 -5.87
N GLY A 141 1.21 25.19 -5.01
CA GLY A 141 0.97 25.10 -3.58
C GLY A 141 1.03 23.67 -3.08
N TYR A 142 1.06 22.72 -4.00
CA TYR A 142 1.05 21.31 -3.64
C TYR A 142 2.46 20.70 -3.50
N LEU A 143 2.62 19.81 -2.53
CA LEU A 143 3.93 19.24 -2.24
C LEU A 143 3.94 17.73 -2.30
N TYR A 144 2.77 17.11 -2.22
CA TYR A 144 2.75 15.66 -2.07
C TYR A 144 1.74 15.01 -3.00
N VAL A 145 1.93 13.72 -3.29
CA VAL A 145 0.94 12.98 -4.04
C VAL A 145 0.49 11.79 -3.22
N LEU A 146 -0.81 11.71 -2.99
CA LEU A 146 -1.43 10.51 -2.46
C LEU A 146 -1.57 9.48 -3.59
N VAL A 147 -1.01 8.30 -3.38
CA VAL A 147 -1.07 7.25 -4.38
C VAL A 147 -1.93 6.09 -3.88
N VAL A 148 -3.00 5.76 -4.59
CA VAL A 148 -3.84 4.61 -4.22
C VAL A 148 -3.77 3.57 -5.32
N VAL A 149 -3.28 2.38 -4.97
CA VAL A 149 -3.11 1.30 -5.96
C VAL A 149 -4.02 0.12 -5.63
N ASP A 150 -4.87 -0.27 -6.59
CA ASP A 150 -5.69 -1.46 -6.41
C ASP A 150 -4.82 -2.70 -6.54
N GLY A 151 -4.82 -3.53 -5.51
CA GLY A 151 -3.95 -4.69 -5.46
C GLY A 151 -4.15 -5.71 -6.56
N MET A 152 -5.41 -5.94 -6.92
CA MET A 152 -5.66 -6.95 -7.94
C MET A 152 -5.27 -6.46 -9.33
N THR A 153 -5.68 -5.25 -9.66
CA THR A 153 -5.54 -4.72 -11.03
C THR A 153 -4.28 -3.90 -11.27
N GLY A 154 -3.71 -3.31 -10.21
CA GLY A 154 -2.63 -2.34 -10.37
C GLY A 154 -3.17 -0.96 -10.74
N PHE A 155 -4.48 -0.85 -10.85
CA PHE A 155 -5.09 0.41 -11.27
C PHE A 155 -4.87 1.43 -10.16
N THR A 156 -4.41 2.62 -10.54
CA THR A 156 -3.89 3.60 -9.60
C THR A 156 -4.59 4.94 -9.70
N TRP A 157 -4.89 5.55 -8.55
CA TRP A 157 -5.47 6.88 -8.52
C TRP A 157 -4.46 7.82 -7.88
N LEU A 158 -4.40 9.07 -8.35
CA LEU A 158 -3.43 10.04 -7.84
C LEU A 158 -4.10 11.32 -7.33
N TYR A 159 -3.67 11.81 -6.19
CA TYR A 159 -4.22 13.05 -5.64
C TYR A 159 -3.12 13.98 -5.13
N PRO A 160 -3.10 15.23 -5.61
CA PRO A 160 -2.14 16.20 -5.07
C PRO A 160 -2.57 16.70 -3.69
N THR A 161 -1.64 16.79 -2.75
CA THR A 161 -1.96 17.36 -1.45
C THR A 161 -0.90 18.37 -1.00
N LYS A 162 -1.26 19.15 0.02
CA LYS A 162 -0.35 20.15 0.56
C LYS A 162 0.42 19.56 1.74
N ALA A 163 -0.09 18.48 2.30
CA ALA A 163 0.61 17.75 3.35
C ALA A 163 0.22 16.29 3.30
N PRO A 164 1.06 15.40 3.84
CA PRO A 164 0.67 14.00 3.94
C PRO A 164 -0.17 13.79 5.20
N SER A 165 -1.31 14.48 5.27
CA SER A 165 -2.13 14.50 6.48
C SER A 165 -3.33 13.58 6.41
N THR A 166 -3.84 13.24 7.59
CA THR A 166 -5.11 12.55 7.69
C THR A 166 -6.23 13.31 6.93
N SER A 167 -6.33 14.62 7.12
CA SER A 167 -7.41 15.39 6.48
C SER A 167 -7.38 15.34 4.94
N ALA A 168 -6.17 15.45 4.38
CA ALA A 168 -6.00 15.39 2.93
C ALA A 168 -6.34 13.99 2.43
N THR A 169 -6.00 12.99 3.23
CA THR A 169 -6.21 11.61 2.86
C THR A 169 -7.70 11.33 2.79
N VAL A 170 -8.39 11.75 3.85
CA VAL A 170 -9.81 11.55 3.95
C VAL A 170 -10.56 12.27 2.81
N LYS A 171 -10.19 13.51 2.51
CA LYS A 171 -10.80 14.22 1.39
C LYS A 171 -10.70 13.40 0.10
N SER A 172 -9.47 12.95 -0.21
CA SER A 172 -9.19 12.20 -1.44
C SER A 172 -9.93 10.86 -1.50
N LEU A 173 -9.91 10.09 -0.41
CA LEU A 173 -10.57 8.78 -0.39
C LEU A 173 -12.10 8.89 -0.39
N ASN A 174 -12.64 9.95 0.19
CA ASN A 174 -14.06 10.21 0.01
C ASN A 174 -14.43 10.39 -1.47
N VAL A 175 -13.53 10.97 -2.27
CA VAL A 175 -13.82 11.12 -3.70
C VAL A 175 -13.67 9.78 -4.41
N LEU A 176 -12.63 9.06 -4.04
CA LEU A 176 -12.36 7.78 -4.65
C LEU A 176 -13.43 6.78 -4.29
N THR A 177 -13.85 6.77 -3.02
CA THR A 177 -14.79 5.74 -2.57
C THR A 177 -16.19 5.99 -3.07
N SER A 178 -16.41 7.16 -3.68
CA SER A 178 -17.59 7.41 -4.49
C SER A 178 -17.79 6.34 -5.55
N ILE A 179 -16.70 5.77 -6.04
CA ILE A 179 -16.76 4.77 -7.11
C ILE A 179 -17.08 3.40 -6.51
N ALA A 180 -16.28 3.01 -5.52
CA ALA A 180 -16.47 1.77 -4.79
C ALA A 180 -15.74 1.84 -3.46
N ILE A 181 -16.13 0.96 -2.55
CA ILE A 181 -15.52 0.82 -1.24
C ILE A 181 -14.70 -0.45 -1.25
N PRO A 182 -13.46 -0.38 -0.77
CA PRO A 182 -12.61 -1.57 -0.77
C PRO A 182 -12.77 -2.35 0.53
N LYS A 183 -12.48 -3.66 0.56
CA LYS A 183 -12.54 -4.41 1.80
C LYS A 183 -11.43 -3.97 2.74
N VAL A 184 -10.21 -3.91 2.21
CA VAL A 184 -9.04 -3.62 3.01
C VAL A 184 -8.23 -2.49 2.40
N ILE A 185 -7.69 -1.62 3.25
CA ILE A 185 -6.70 -0.66 2.82
C ILE A 185 -5.39 -0.95 3.56
N HIS A 186 -4.35 -1.32 2.83
CA HIS A 186 -3.03 -1.56 3.44
C HIS A 186 -2.14 -0.34 3.29
N SER A 187 -1.48 0.03 4.38
CA SER A 187 -0.60 1.18 4.39
C SER A 187 0.57 0.97 5.33
N ASP A 188 1.49 1.94 5.33
CA ASP A 188 2.59 1.94 6.30
C ASP A 188 2.19 2.75 7.52
N GLN A 189 3.18 3.08 8.35
CA GLN A 189 2.90 3.66 9.66
C GLN A 189 3.06 5.14 9.69
N GLY A 190 2.82 5.77 8.54
CA GLY A 190 2.81 7.22 8.47
C GLY A 190 1.71 7.82 9.32
N ALA A 191 1.97 8.98 9.91
CA ALA A 191 1.03 9.61 10.83
C ALA A 191 -0.38 9.69 10.24
N ALA A 192 -0.46 9.91 8.94
CA ALA A 192 -1.74 10.12 8.28
C ALA A 192 -2.63 8.88 8.27
N PHE A 193 -2.03 7.70 8.36
CA PHE A 193 -2.80 6.45 8.31
C PHE A 193 -3.05 5.79 9.67
N THR A 194 -2.26 6.18 10.69
CA THR A 194 -2.33 5.55 12.00
C THR A 194 -3.12 6.41 12.99
N SER A 195 -3.53 7.61 12.58
CA SER A 195 -4.34 8.50 13.40
C SER A 195 -5.68 7.87 13.72
N SER A 196 -6.22 8.19 14.90
CA SER A 196 -7.49 7.62 15.34
C SER A 196 -8.61 8.11 14.43
N THR A 197 -8.44 9.34 13.94
CA THR A 197 -9.40 9.91 13.02
C THR A 197 -9.52 9.11 11.74
N PHE A 198 -8.40 8.62 11.24
CA PHE A 198 -8.45 7.86 10.00
C PHE A 198 -9.06 6.49 10.30
N ALA A 199 -8.78 5.96 11.48
CA ALA A 199 -9.34 4.69 11.92
C ALA A 199 -10.87 4.76 11.96
N GLU A 200 -11.37 5.91 12.39
CA GLU A 200 -12.80 6.15 12.51
C GLU A 200 -13.40 6.22 11.15
N TRP A 201 -12.68 6.88 10.25
CA TRP A 201 -13.18 7.10 8.90
C TRP A 201 -13.40 5.73 8.23
N ALA A 202 -12.48 4.80 8.49
CA ALA A 202 -12.55 3.48 7.87
C ALA A 202 -13.59 2.57 8.54
N LYS A 203 -13.65 2.62 9.87
CA LYS A 203 -14.64 1.83 10.60
C LYS A 203 -16.06 2.24 10.17
N GLU A 204 -16.30 3.56 10.09
CA GLU A 204 -17.54 4.10 9.53
C GLU A 204 -17.90 3.54 8.17
N ARG A 205 -16.96 2.92 7.47
CA ARG A 205 -17.26 2.46 6.13
C ARG A 205 -17.09 0.97 5.94
N GLY A 206 -16.85 0.24 7.03
CA GLY A 206 -16.64 -1.19 6.92
C GLY A 206 -15.33 -1.50 6.27
N ILE A 207 -14.42 -0.53 6.25
CA ILE A 207 -13.09 -0.76 5.67
C ILE A 207 -12.10 -1.24 6.73
N HIS A 208 -11.51 -2.39 6.52
CA HIS A 208 -10.48 -2.86 7.45
C HIS A 208 -9.07 -2.28 7.13
N LEU A 209 -8.46 -1.61 8.11
CA LEU A 209 -7.09 -1.08 7.99
C LEU A 209 -6.01 -2.12 8.31
N GLU A 210 -5.06 -2.27 7.40
CA GLU A 210 -3.97 -3.24 7.52
C GLU A 210 -2.70 -2.43 7.52
N PHE A 211 -1.76 -2.74 8.41
CA PHE A 211 -0.48 -2.01 8.42
C PHE A 211 0.78 -2.83 8.17
N SER A 212 1.75 -2.20 7.52
CA SER A 212 3.03 -2.84 7.27
C SER A 212 3.77 -2.96 8.59
N THR A 213 4.65 -3.96 8.72
CA THR A 213 5.59 -3.94 9.83
C THR A 213 6.39 -2.67 9.70
N PRO A 214 6.90 -2.12 10.81
CA PRO A 214 7.53 -0.79 10.73
C PRO A 214 8.89 -0.83 10.01
N TYR A 215 9.25 0.28 9.35
CA TYR A 215 10.45 0.38 8.50
C TYR A 215 10.71 -0.82 7.57
N HIS A 216 9.72 -1.13 6.74
CA HIS A 216 9.85 -2.28 5.85
C HIS A 216 8.99 -2.06 4.61
N PRO A 217 9.37 -1.09 3.78
CA PRO A 217 8.55 -0.69 2.63
C PRO A 217 8.34 -1.83 1.61
N GLN A 218 9.17 -2.86 1.62
CA GLN A 218 8.88 -4.06 0.81
C GLN A 218 7.42 -4.55 0.98
N SER A 219 6.87 -4.32 2.16
CA SER A 219 5.54 -4.78 2.53
C SER A 219 4.47 -3.97 1.83
N SER A 220 4.73 -2.67 1.67
CA SER A 220 3.94 -1.85 0.77
C SER A 220 4.50 -1.88 -0.68
N GLY A 221 5.25 -2.93 -1.02
CA GLY A 221 5.88 -3.08 -2.33
C GLY A 221 5.04 -2.76 -3.57
N LYS A 222 3.75 -3.11 -3.56
CA LYS A 222 2.87 -2.83 -4.67
C LYS A 222 2.82 -1.34 -4.98
N VAL A 223 2.64 -0.53 -3.94
CA VAL A 223 2.53 0.90 -4.15
C VAL A 223 3.91 1.58 -4.29
N GLU A 224 4.90 1.13 -3.53
CA GLU A 224 6.24 1.68 -3.67
C GLU A 224 6.65 1.53 -5.12
N ARG A 225 6.39 0.35 -5.68
CA ARG A 225 6.82 0.07 -7.03
C ARG A 225 6.12 0.99 -8.02
N LYS A 226 4.86 1.30 -7.72
CA LYS A 226 4.09 2.18 -8.58
C LYS A 226 4.64 3.63 -8.49
N ASN A 227 5.06 4.04 -7.27
CA ASN A 227 5.71 5.33 -7.05
C ASN A 227 6.90 5.52 -8.00
N SER A 228 7.66 4.46 -8.18
CA SER A 228 8.78 4.50 -9.09
C SER A 228 8.30 4.85 -10.51
N ASP A 229 7.29 4.14 -11.00
CA ASP A 229 6.84 4.42 -12.37
C ASP A 229 6.27 5.84 -12.45
N ILE A 230 5.64 6.30 -11.37
CA ILE A 230 5.07 7.63 -11.36
C ILE A 230 6.17 8.70 -11.48
N LYS A 231 7.18 8.62 -10.63
CA LYS A 231 8.28 9.57 -10.66
C LYS A 231 9.02 9.49 -12.00
N ARG A 232 9.15 8.28 -12.54
CA ARG A 232 9.89 8.11 -13.79
C ARG A 232 9.23 8.84 -14.98
N LEU A 233 7.90 8.69 -15.11
CA LEU A 233 7.17 9.31 -16.19
C LEU A 233 7.11 10.84 -16.02
N LEU A 234 6.90 11.27 -14.77
CA LEU A 234 6.93 12.69 -14.41
C LEU A 234 8.25 13.32 -14.79
N THR A 235 9.34 12.65 -14.44
CA THR A 235 10.67 13.15 -14.75
C THR A 235 10.80 13.36 -16.25
N LYS A 236 10.52 12.31 -17.03
CA LYS A 236 10.57 12.35 -18.49
C LYS A 236 9.73 13.48 -19.10
N LEU A 237 8.51 13.67 -18.59
CA LEU A 237 7.61 14.67 -19.15
C LEU A 237 8.07 16.07 -18.78
N LEU A 238 8.88 16.17 -17.74
CA LEU A 238 9.35 17.47 -17.28
C LEU A 238 10.78 17.82 -17.74
N VAL A 239 11.40 16.94 -18.53
CA VAL A 239 12.77 17.16 -19.00
C VAL A 239 12.86 18.53 -19.67
N GLY A 240 13.84 19.33 -19.26
CA GLY A 240 14.02 20.66 -19.82
C GLY A 240 12.83 21.59 -19.70
N ARG A 241 11.94 21.33 -18.74
CA ARG A 241 10.92 22.32 -18.39
C ARG A 241 11.04 22.53 -16.90
N PRO A 242 10.43 23.60 -16.38
CA PRO A 242 10.44 23.61 -14.91
C PRO A 242 9.47 22.55 -14.37
N THR A 243 9.78 22.06 -13.18
CA THR A 243 9.09 20.94 -12.59
C THR A 243 7.67 21.25 -12.14
N LYS A 244 6.84 21.72 -13.07
CA LYS A 244 5.45 22.03 -12.74
C LYS A 244 4.58 20.79 -12.97
N TRP A 245 4.50 19.96 -11.93
CA TRP A 245 3.98 18.61 -12.04
C TRP A 245 2.50 18.44 -11.71
N TYR A 246 1.87 19.49 -11.20
CA TYR A 246 0.51 19.39 -10.70
C TYR A 246 -0.43 19.04 -11.84
N ASP A 247 -0.24 19.73 -12.96
CA ASP A 247 -1.12 19.54 -14.11
C ASP A 247 -0.83 18.25 -14.85
N LEU A 248 0.25 17.56 -14.49
CA LEU A 248 0.59 16.33 -15.18
C LEU A 248 0.05 15.11 -14.48
N LEU A 249 -0.31 15.25 -13.21
CA LEU A 249 -0.87 14.14 -12.44
C LEU A 249 -2.01 13.41 -13.17
N PRO A 250 -3.01 14.16 -13.64
CA PRO A 250 -4.10 13.47 -14.35
C PRO A 250 -3.58 12.72 -15.57
N VAL A 251 -2.62 13.31 -16.25
CA VAL A 251 -2.05 12.72 -17.46
C VAL A 251 -1.29 11.45 -17.11
N VAL A 252 -0.48 11.52 -16.06
CA VAL A 252 0.31 10.37 -15.68
C VAL A 252 -0.57 9.22 -15.20
N GLN A 253 -1.57 9.56 -14.36
CA GLN A 253 -2.56 8.57 -13.92
C GLN A 253 -3.14 7.79 -15.11
N LEU A 254 -3.71 8.52 -16.06
CA LEU A 254 -4.29 7.86 -17.22
C LEU A 254 -3.23 7.06 -17.98
N ALA A 255 -2.03 7.64 -18.12
CA ALA A 255 -1.00 6.98 -18.91
C ALA A 255 -0.61 5.62 -18.33
N LEU A 256 -0.32 5.58 -17.03
CA LEU A 256 0.05 4.33 -16.36
C LEU A 256 -1.11 3.32 -16.28
N ASN A 257 -2.32 3.79 -16.05
CA ASN A 257 -3.44 2.86 -15.97
C ASN A 257 -3.69 2.14 -17.28
N ASN A 258 -3.16 2.70 -18.37
CA ASN A 258 -3.35 2.12 -19.70
C ASN A 258 -2.05 1.60 -20.35
N THR A 259 -1.06 1.29 -19.51
CA THR A 259 0.21 0.71 -19.94
C THR A 259 0.27 -0.81 -19.69
N TYR A 260 0.70 -1.56 -20.70
CA TYR A 260 0.78 -3.01 -20.58
C TYR A 260 1.88 -3.40 -19.60
N SER A 261 1.60 -4.36 -18.73
CA SER A 261 2.71 -5.05 -18.09
C SER A 261 3.11 -6.18 -19.04
N PRO A 262 4.38 -6.18 -19.51
CA PRO A 262 4.81 -7.28 -20.42
C PRO A 262 4.60 -8.70 -19.84
N VAL A 263 4.73 -8.88 -18.53
CA VAL A 263 4.60 -10.23 -17.99
C VAL A 263 3.14 -10.65 -17.99
N LEU A 264 2.25 -9.68 -17.84
CA LEU A 264 0.83 -9.99 -17.77
C LEU A 264 0.13 -9.97 -19.12
N LYS A 265 0.66 -9.20 -20.09
CA LYS A 265 -0.06 -8.89 -21.33
C LYS A 265 -1.38 -8.13 -21.13
N TYR A 266 -1.52 -7.43 -20.01
CA TYR A 266 -2.71 -6.63 -19.79
C TYR A 266 -2.32 -5.29 -19.16
N THR A 267 -3.21 -4.31 -19.30
CA THR A 267 -3.03 -3.02 -18.65
C THR A 267 -3.93 -3.03 -17.42
N PRO A 268 -3.64 -2.18 -16.44
CA PRO A 268 -4.48 -2.20 -15.24
C PRO A 268 -5.92 -1.78 -15.56
N HIS A 269 -6.06 -0.96 -16.59
CA HIS A 269 -7.39 -0.55 -17.01
C HIS A 269 -8.17 -1.78 -17.48
N GLN A 270 -7.51 -2.64 -18.27
CA GLN A 270 -8.14 -3.82 -18.79
C GLN A 270 -8.51 -4.81 -17.68
N LEU A 271 -7.64 -4.94 -16.69
CA LEU A 271 -7.93 -5.82 -15.58
C LEU A 271 -9.08 -5.29 -14.74
N LEU A 272 -9.35 -3.99 -14.82
CA LEU A 272 -10.41 -3.43 -13.98
C LEU A 272 -11.76 -3.49 -14.68
N PHE A 273 -11.77 -3.23 -15.98
CA PHE A 273 -13.05 -3.09 -16.70
C PHE A 273 -13.25 -4.18 -17.74
N GLY A 274 -12.18 -4.87 -18.11
CA GLY A 274 -12.28 -5.86 -19.17
C GLY A 274 -12.46 -5.29 -20.58
N ILE A 275 -12.38 -3.97 -20.72
CA ILE A 275 -12.43 -3.34 -22.05
C ILE A 275 -11.77 -1.94 -22.09
N ASP A 276 -10.99 -1.63 -23.11
CA ASP A 276 -10.35 -0.31 -23.21
C ASP A 276 -11.39 0.79 -23.40
N SER A 277 -11.19 1.94 -22.79
CA SER A 277 -12.03 3.10 -23.10
C SER A 277 -11.45 3.79 -24.33
N ASN A 278 -11.96 4.99 -24.65
CA ASN A 278 -11.54 5.73 -25.83
C ASN A 278 -10.14 6.39 -25.73
N THR A 279 -9.12 5.56 -25.60
CA THR A 279 -7.76 6.08 -25.48
C THR A 279 -6.95 5.59 -26.68
N PRO A 280 -5.78 6.16 -26.91
CA PRO A 280 -5.04 5.71 -28.09
C PRO A 280 -4.71 4.22 -28.11
N PHE A 281 -4.81 3.62 -29.29
CA PHE A 281 -4.49 2.21 -29.49
C PHE A 281 -5.33 1.27 -28.66
N ALA A 282 -6.61 1.60 -28.51
CA ALA A 282 -7.53 0.77 -27.75
C ALA A 282 -7.62 -0.64 -28.34
N ASN A 283 -7.60 -1.65 -27.48
CA ASN A 283 -7.70 -3.01 -27.95
C ASN A 283 -9.13 -3.28 -28.38
N GLN A 284 -9.33 -3.97 -29.50
CA GLN A 284 -10.68 -4.19 -30.04
C GLN A 284 -11.07 -5.65 -30.22
N ASP A 285 -10.34 -6.53 -29.57
CA ASP A 285 -10.57 -7.96 -29.75
C ASP A 285 -11.92 -8.48 -29.22
N THR A 286 -12.65 -7.74 -28.41
CA THR A 286 -13.91 -8.26 -27.92
C THR A 286 -15.09 -7.45 -28.43
N LEU A 287 -14.90 -6.88 -29.61
CA LEU A 287 -15.91 -6.05 -30.23
C LEU A 287 -17.21 -6.83 -30.52
N ASP A 288 -17.07 -8.13 -30.81
CA ASP A 288 -18.23 -8.94 -31.19
C ASP A 288 -18.81 -9.72 -30.01
N LEU A 289 -18.21 -9.59 -28.84
CA LEU A 289 -18.78 -10.23 -27.68
C LEU A 289 -19.80 -9.31 -27.09
N THR A 290 -20.81 -9.88 -26.46
CA THR A 290 -21.68 -9.09 -25.60
C THR A 290 -20.91 -8.72 -24.33
N ARG A 291 -21.43 -7.75 -23.59
CA ARG A 291 -20.79 -7.37 -22.36
C ARG A 291 -20.65 -8.60 -21.46
N GLU A 292 -21.69 -9.42 -21.43
CA GLU A 292 -21.74 -10.59 -20.55
C GLU A 292 -20.62 -11.53 -20.97
N GLU A 293 -20.50 -11.78 -22.26
CA GLU A 293 -19.41 -12.62 -22.73
C GLU A 293 -18.06 -11.99 -22.41
N GLU A 294 -17.99 -10.66 -22.48
CA GLU A 294 -16.76 -9.94 -22.16
C GLU A 294 -16.37 -10.13 -20.69
N LEU A 295 -17.35 -9.95 -19.80
CA LEU A 295 -17.10 -10.10 -18.36
C LEU A 295 -16.74 -11.54 -18.01
N SER A 296 -17.17 -12.45 -18.86
CA SER A 296 -16.95 -13.85 -18.61
C SER A 296 -15.48 -14.13 -18.86
N LEU A 297 -15.01 -13.71 -20.04
CA LEU A 297 -13.59 -13.75 -20.40
C LEU A 297 -12.71 -12.98 -19.41
N LEU A 298 -13.21 -11.86 -18.89
CA LEU A 298 -12.48 -11.10 -17.87
C LEU A 298 -12.27 -11.88 -16.58
N GLN A 299 -13.31 -12.58 -16.11
CA GLN A 299 -13.16 -13.38 -14.90
C GLN A 299 -12.12 -14.47 -15.09
N GLU A 300 -12.13 -15.07 -16.27
CA GLU A 300 -11.11 -16.05 -16.61
C GLU A 300 -9.68 -15.45 -16.61
N ILE A 301 -9.52 -14.31 -17.26
CA ILE A 301 -8.22 -13.67 -17.35
C ILE A 301 -7.68 -13.32 -15.97
N ARG A 302 -8.57 -12.85 -15.10
CA ARG A 302 -8.19 -12.46 -13.74
C ARG A 302 -7.61 -13.60 -12.94
N THR A 303 -8.15 -14.80 -13.12
CA THR A 303 -7.77 -15.93 -12.26
C THR A 303 -6.46 -16.56 -12.71
N SER A 304 -6.14 -16.40 -13.98
CA SER A 304 -4.96 -17.06 -14.49
C SER A 304 -3.74 -16.15 -14.71
N LEU A 305 -3.67 -15.03 -14.00
CA LEU A 305 -2.50 -14.14 -14.14
C LEU A 305 -1.26 -14.79 -13.53
N TYR A 306 -0.12 -14.63 -14.21
CA TYR A 306 1.17 -15.07 -13.69
C TYR A 306 1.41 -14.71 -12.23
N HIS A 307 1.84 -15.69 -11.46
CA HIS A 307 2.22 -15.36 -10.11
C HIS A 307 3.62 -15.90 -9.78
N PRO A 308 4.49 -15.00 -9.30
CA PRO A 308 5.89 -15.33 -9.02
C PRO A 308 6.01 -16.30 -7.84
N SER A 309 7.07 -17.10 -7.80
CA SER A 309 7.27 -17.95 -6.62
C SER A 309 8.42 -17.47 -5.75
N THR A 310 8.32 -17.82 -4.47
CA THR A 310 9.35 -17.49 -3.50
C THR A 310 10.72 -17.96 -4.05
N PRO A 311 11.74 -17.08 -4.01
CA PRO A 311 13.05 -17.40 -4.60
C PRO A 311 13.86 -18.33 -3.68
N PRO A 312 14.99 -18.84 -4.16
CA PRO A 312 15.86 -19.68 -3.30
C PRO A 312 16.46 -18.93 -2.12
N ALA A 313 16.50 -19.58 -0.96
CA ALA A 313 17.21 -19.06 0.21
C ALA A 313 18.69 -18.85 -0.12
N SER A 314 19.29 -17.80 0.41
CA SER A 314 20.72 -17.58 0.19
C SER A 314 21.50 -18.63 0.99
N SER A 315 22.78 -18.80 0.66
CA SER A 315 23.63 -19.81 1.34
C SER A 315 23.58 -19.76 2.88
N ARG A 316 23.36 -18.58 3.44
CA ARG A 316 23.48 -18.46 4.87
C ARG A 316 22.40 -17.61 5.50
N SER A 317 21.16 -18.06 5.39
CA SER A 317 20.03 -17.29 5.88
C SER A 317 19.56 -17.85 7.22
N TRP A 318 18.68 -17.13 7.89
CA TRP A 318 18.15 -17.65 9.12
C TRP A 318 16.65 -17.51 9.08
N SER A 319 15.95 -18.42 9.73
CA SER A 319 14.52 -18.28 9.87
C SER A 319 14.19 -18.36 11.34
N PRO A 320 13.22 -17.52 11.77
CA PRO A 320 12.91 -17.40 13.20
C PRO A 320 12.23 -18.65 13.75
N VAL A 321 12.61 -19.00 14.96
CA VAL A 321 12.01 -20.08 15.71
C VAL A 321 11.46 -19.50 17.01
N VAL A 322 10.27 -19.94 17.41
CA VAL A 322 9.70 -19.46 18.67
C VAL A 322 10.65 -19.67 19.85
N GLY A 323 10.84 -18.63 20.66
CA GLY A 323 11.76 -18.71 21.80
C GLY A 323 13.20 -18.27 21.53
N GLN A 324 13.54 -18.04 20.26
CA GLN A 324 14.86 -17.57 19.84
C GLN A 324 15.17 -16.17 20.36
N LEU A 325 16.42 -15.95 20.72
CA LEU A 325 16.87 -14.60 21.07
C LEU A 325 17.26 -13.85 19.81
N VAL A 326 16.60 -12.73 19.56
CA VAL A 326 16.81 -11.97 18.34
C VAL A 326 16.92 -10.49 18.71
N GLN A 327 17.44 -9.66 17.80
CA GLN A 327 17.54 -8.22 18.08
C GLN A 327 16.98 -7.39 16.96
N GLU A 328 16.22 -6.39 17.35
CA GLU A 328 15.56 -5.51 16.43
C GLU A 328 16.48 -4.34 16.15
N ARG A 329 16.59 -3.97 14.88
CA ARG A 329 17.37 -2.81 14.49
C ARG A 329 16.81 -1.54 15.09
N VAL A 330 17.70 -0.73 15.68
CA VAL A 330 17.34 0.62 16.04
C VAL A 330 16.98 1.43 14.78
N ALA A 331 15.86 2.13 14.81
CA ALA A 331 15.27 2.70 13.60
C ALA A 331 16.07 3.89 13.06
N ARG A 332 16.39 4.83 13.95
CA ARG A 332 17.11 6.03 13.58
C ARG A 332 18.24 6.27 14.60
N PRO A 333 19.30 5.47 14.52
CA PRO A 333 20.31 5.54 15.57
C PRO A 333 21.08 6.83 15.46
N ALA A 334 21.30 7.49 16.59
CA ALA A 334 22.16 8.66 16.65
C ALA A 334 23.62 8.33 16.30
N SER A 335 24.38 9.37 16.01
CA SER A 335 25.80 9.22 15.76
C SER A 335 26.52 8.47 16.89
N LEU A 336 27.33 7.49 16.50
CA LEU A 336 28.17 6.78 17.45
C LEU A 336 27.35 5.98 18.49
N ARG A 337 26.12 5.62 18.14
CA ARG A 337 25.24 4.82 18.99
C ARG A 337 24.96 3.47 18.33
N PRO A 338 24.59 2.47 19.12
CA PRO A 338 24.39 1.13 18.55
C PRO A 338 23.26 1.09 17.53
N ARG A 339 23.42 0.23 16.54
CA ARG A 339 22.44 0.03 15.48
C ARG A 339 21.39 -1.01 15.90
N TRP A 340 21.66 -1.73 16.99
CA TRP A 340 20.73 -2.76 17.45
C TRP A 340 20.21 -2.57 18.86
N HIS A 341 18.94 -2.92 19.09
CA HIS A 341 18.41 -3.07 20.45
C HIS A 341 18.93 -4.31 21.23
N LYS A 342 18.68 -4.32 22.53
CA LYS A 342 19.05 -5.46 23.37
C LYS A 342 18.30 -6.70 22.93
N PRO A 343 18.82 -7.87 23.29
CA PRO A 343 18.10 -9.08 22.84
C PRO A 343 16.67 -9.18 23.38
N SER A 344 15.83 -9.82 22.59
CA SER A 344 14.42 -9.99 22.92
C SER A 344 14.02 -11.37 22.42
N THR A 345 12.81 -11.83 22.71
CA THR A 345 12.46 -13.22 22.44
C THR A 345 11.31 -13.34 21.45
N VAL A 346 11.39 -14.33 20.56
CA VAL A 346 10.34 -14.55 19.59
C VAL A 346 9.15 -15.20 20.29
N LEU A 347 8.06 -14.45 20.46
CA LEU A 347 6.82 -14.99 21.00
C LEU A 347 6.12 -15.88 19.99
N LYS A 348 5.88 -15.34 18.80
CA LYS A 348 5.12 -16.06 17.79
C LYS A 348 5.71 -15.86 16.41
N VAL A 349 5.77 -16.95 15.65
CA VAL A 349 6.15 -16.87 14.24
C VAL A 349 4.88 -16.74 13.37
N LEU A 350 4.50 -15.52 13.05
CA LEU A 350 3.34 -15.27 12.19
C LEU A 350 3.47 -15.91 10.83
N ASN A 351 4.66 -15.78 10.22
CA ASN A 351 5.00 -16.50 8.99
C ASN A 351 6.51 -16.46 8.95
N PRO A 352 7.15 -17.15 7.98
CA PRO A 352 8.62 -17.22 8.12
C PRO A 352 9.35 -15.88 7.92
N ARG A 353 8.62 -14.79 7.62
CA ARG A 353 9.24 -13.49 7.42
C ARG A 353 8.72 -12.47 8.42
N THR A 354 7.79 -12.90 9.26
CA THR A 354 7.17 -11.98 10.20
C THR A 354 7.03 -12.58 11.59
N VAL A 355 7.43 -11.84 12.61
CA VAL A 355 7.34 -12.36 13.97
C VAL A 355 6.79 -11.37 14.97
N VAL A 356 6.33 -11.91 16.10
CA VAL A 356 5.99 -11.10 17.26
C VAL A 356 7.11 -11.33 18.24
N ILE A 357 7.65 -10.25 18.77
CA ILE A 357 8.69 -10.34 19.75
C ILE A 357 8.26 -9.61 21.01
N LEU A 358 8.76 -10.14 22.13
CA LEU A 358 8.63 -9.50 23.43
C LEU A 358 9.92 -8.76 23.69
N ASP A 359 9.84 -7.43 23.65
CA ASP A 359 11.07 -6.63 23.60
C ASP A 359 11.73 -6.39 24.95
N HIS A 360 11.41 -7.26 25.92
CA HIS A 360 12.01 -7.22 27.27
C HIS A 360 11.83 -5.87 28.03
N LEU A 361 10.88 -5.06 27.55
CA LEU A 361 10.26 -3.99 28.34
C LEU A 361 9.15 -4.49 29.30
N GLY A 362 8.17 -5.26 28.81
CA GLY A 362 8.10 -5.77 27.45
C GLY A 362 6.81 -5.63 26.68
N ASN A 363 6.83 -4.77 25.66
CA ASN A 363 5.75 -4.74 24.70
C ASN A 363 5.87 -5.86 23.68
N ASN A 364 4.73 -6.21 23.10
CA ASN A 364 4.68 -7.11 21.97
C ASN A 364 4.84 -6.24 20.74
N ARG A 365 5.77 -6.60 19.88
CA ARG A 365 5.97 -5.85 18.63
C ARG A 365 5.86 -6.81 17.48
N THR A 366 5.08 -6.46 16.47
CA THR A 366 5.09 -7.24 15.24
C THR A 366 6.10 -6.63 14.27
N VAL A 367 6.94 -7.48 13.69
CA VAL A 367 8.18 -6.98 13.18
C VAL A 367 8.67 -7.89 12.06
N SER A 368 9.29 -7.28 11.04
CA SER A 368 9.83 -8.06 9.90
C SER A 368 11.16 -8.73 10.25
N ILE A 369 11.47 -9.88 9.68
CA ILE A 369 12.78 -10.42 10.01
C ILE A 369 13.91 -9.61 9.35
N ASP A 370 13.58 -8.80 8.35
CA ASP A 370 14.60 -7.94 7.75
C ASP A 370 15.13 -6.94 8.78
N ASN A 371 14.34 -6.67 9.83
CA ASN A 371 14.79 -5.76 10.88
C ASN A 371 15.23 -6.49 12.14
N LEU A 372 15.54 -7.76 11.99
CA LEU A 372 16.00 -8.61 13.08
C LEU A 372 17.35 -9.24 12.76
N LYS A 373 18.18 -9.42 13.77
CA LYS A 373 19.28 -10.38 13.68
C LYS A 373 19.16 -11.41 14.80
N PRO A 374 19.54 -12.66 14.51
CA PRO A 374 19.58 -13.63 15.61
C PRO A 374 20.76 -13.31 16.49
N THR A 375 20.54 -13.24 17.80
CA THR A 375 21.63 -12.94 18.70
C THR A 375 22.74 -14.01 18.62
N SER A 376 23.98 -13.54 18.50
CA SER A 376 25.11 -14.47 18.35
C SER A 376 25.50 -15.21 19.63
N HIS A 377 26.18 -16.34 19.44
CA HIS A 377 26.69 -17.14 20.55
C HIS A 377 25.60 -17.65 21.48
N GLN A 378 24.45 -18.03 20.89
CA GLN A 378 23.28 -18.52 21.63
C GLN A 378 22.83 -17.61 22.78
N ASP B 119 -24.83 -5.16 -36.42
CA ASP B 119 -24.22 -4.16 -35.54
C ASP B 119 -23.69 -4.80 -34.24
N ARG B 120 -22.68 -4.17 -33.63
CA ARG B 120 -21.95 -4.73 -32.50
C ARG B 120 -22.57 -4.37 -31.14
N PRO B 121 -22.52 -5.30 -30.18
CA PRO B 121 -23.16 -5.08 -28.87
C PRO B 121 -22.68 -3.81 -28.13
N GLN B 122 -23.60 -3.18 -27.40
CA GLN B 122 -23.28 -2.00 -26.65
C GLN B 122 -22.25 -2.25 -25.52
N LYS B 123 -21.46 -1.26 -25.19
CA LYS B 123 -20.35 -1.46 -24.26
C LYS B 123 -20.21 -0.26 -23.35
N PRO B 124 -19.60 -0.44 -22.16
CA PRO B 124 -19.29 0.70 -21.29
C PRO B 124 -18.33 1.63 -22.03
N PHE B 125 -18.42 2.95 -21.83
CA PHE B 125 -17.53 3.94 -22.47
C PHE B 125 -17.92 4.27 -23.90
N ASP B 126 -18.90 3.54 -24.41
CA ASP B 126 -19.45 3.83 -25.74
C ASP B 126 -20.05 5.22 -25.75
N LYS B 127 -20.81 5.53 -24.72
CA LYS B 127 -21.53 6.79 -24.70
C LYS B 127 -21.79 7.29 -23.28
N PHE B 128 -21.41 8.54 -22.98
CA PHE B 128 -21.72 9.15 -21.70
C PHE B 128 -22.82 10.19 -21.86
N PHE B 129 -23.85 10.11 -21.04
CA PHE B 129 -24.93 11.09 -21.04
C PHE B 129 -24.66 12.04 -19.89
N ILE B 130 -24.63 13.32 -20.20
CA ILE B 130 -24.31 14.32 -19.18
C ILE B 130 -25.37 15.42 -19.08
N ASP B 131 -25.53 15.99 -17.90
CA ASP B 131 -26.49 17.06 -17.74
C ASP B 131 -26.25 17.75 -16.42
N TYR B 132 -26.78 18.96 -16.26
CA TYR B 132 -26.69 19.63 -14.97
C TYR B 132 -27.99 19.51 -14.20
N ILE B 133 -27.86 19.47 -12.87
CA ILE B 133 -28.97 19.54 -11.95
C ILE B 133 -28.71 20.74 -11.05
N GLY B 134 -29.72 21.61 -10.89
CA GLY B 134 -29.60 22.79 -10.04
C GLY B 134 -30.16 24.05 -10.67
N PRO B 135 -30.03 25.18 -9.97
CA PRO B 135 -29.26 25.34 -8.73
C PRO B 135 -29.91 24.74 -7.50
N LEU B 136 -29.06 24.34 -6.56
CA LEU B 136 -29.49 23.77 -5.30
C LEU B 136 -29.12 24.75 -4.20
N PRO B 137 -29.61 24.52 -2.99
CA PRO B 137 -29.08 25.31 -1.88
C PRO B 137 -27.57 25.16 -1.83
N PRO B 138 -26.85 26.21 -1.44
CA PRO B 138 -25.40 26.16 -1.39
C PRO B 138 -24.95 25.09 -0.41
N SER B 139 -24.08 24.21 -0.86
CA SER B 139 -23.42 23.29 0.04
C SER B 139 -21.92 23.45 -0.12
N GLN B 140 -21.29 23.98 0.93
CA GLN B 140 -19.86 24.23 0.92
C GLN B 140 -19.41 25.00 -0.32
N GLY B 141 -20.24 25.95 -0.76
CA GLY B 141 -19.91 26.79 -1.90
C GLY B 141 -20.44 26.29 -3.22
N TYR B 142 -20.92 25.05 -3.28
CA TYR B 142 -21.33 24.47 -4.55
C TYR B 142 -22.83 24.58 -4.73
N LEU B 143 -23.25 24.62 -6.00
CA LEU B 143 -24.65 24.92 -6.34
C LEU B 143 -25.27 24.01 -7.38
N TYR B 144 -24.46 23.25 -8.10
CA TYR B 144 -24.98 22.38 -9.13
C TYR B 144 -24.30 21.03 -9.05
N VAL B 145 -24.91 20.03 -9.70
CA VAL B 145 -24.32 18.73 -9.87
C VAL B 145 -24.26 18.41 -11.36
N LEU B 146 -23.08 18.13 -11.86
CA LEU B 146 -22.97 17.61 -13.20
C LEU B 146 -23.16 16.10 -13.10
N VAL B 147 -24.01 15.54 -13.95
CA VAL B 147 -24.39 14.13 -13.84
C VAL B 147 -23.91 13.43 -15.08
N VAL B 148 -23.15 12.36 -14.89
CA VAL B 148 -22.69 11.56 -16.01
C VAL B 148 -23.15 10.13 -15.79
N VAL B 149 -23.75 9.58 -16.83
CA VAL B 149 -24.26 8.23 -16.76
C VAL B 149 -23.73 7.52 -17.96
N ASP B 150 -23.08 6.40 -17.70
CA ASP B 150 -22.65 5.56 -18.79
C ASP B 150 -23.90 4.85 -19.34
N GLY B 151 -24.01 4.81 -20.65
CA GLY B 151 -25.22 4.36 -21.32
C GLY B 151 -25.44 2.86 -21.22
N MET B 152 -24.38 2.09 -21.42
CA MET B 152 -24.50 0.65 -21.39
C MET B 152 -24.76 0.13 -19.96
N THR B 153 -24.00 0.63 -18.99
CA THR B 153 -24.02 0.05 -17.66
C THR B 153 -25.02 0.77 -16.75
N GLY B 154 -25.30 2.03 -17.07
CA GLY B 154 -26.04 2.87 -16.14
C GLY B 154 -25.25 3.36 -14.92
N PHE B 155 -23.91 3.20 -14.96
CA PHE B 155 -23.06 3.74 -13.90
C PHE B 155 -23.13 5.27 -13.86
N THR B 156 -23.18 5.82 -12.66
CA THR B 156 -23.34 7.27 -12.51
C THR B 156 -22.12 7.89 -11.84
N TRP B 157 -21.63 8.98 -12.40
CA TRP B 157 -20.68 9.82 -11.68
C TRP B 157 -21.31 11.17 -11.46
N LEU B 158 -21.05 11.78 -10.32
CA LEU B 158 -21.56 13.09 -9.96
C LEU B 158 -20.46 14.08 -9.55
N TYR B 159 -20.49 15.30 -10.09
CA TYR B 159 -19.51 16.31 -9.71
C TYR B 159 -20.22 17.60 -9.36
N PRO B 160 -19.94 18.12 -8.16
CA PRO B 160 -20.47 19.40 -7.67
C PRO B 160 -19.80 20.55 -8.40
N THR B 161 -20.54 21.55 -8.88
CA THR B 161 -19.90 22.72 -9.46
C THR B 161 -20.52 24.02 -8.95
N LYS B 162 -19.87 25.15 -9.25
CA LYS B 162 -20.38 26.42 -8.75
C LYS B 162 -21.27 27.09 -9.80
N ALA B 163 -21.21 26.56 -11.01
CA ALA B 163 -21.97 27.12 -12.12
C ALA B 163 -22.17 26.06 -13.20
N PRO B 164 -23.22 26.22 -14.00
CA PRO B 164 -23.34 25.29 -15.13
C PRO B 164 -22.63 25.89 -16.32
N SER B 165 -21.33 26.07 -16.20
CA SER B 165 -20.54 26.69 -17.28
C SER B 165 -19.65 25.71 -18.00
N THR B 166 -19.15 26.11 -19.17
CA THR B 166 -18.18 25.29 -19.89
C THR B 166 -16.96 24.95 -19.03
N SER B 167 -16.51 25.90 -18.24
CA SER B 167 -15.27 25.70 -17.53
C SER B 167 -15.45 24.80 -16.33
N ALA B 168 -16.57 24.92 -15.64
CA ALA B 168 -16.88 23.95 -14.58
C ALA B 168 -17.07 22.55 -15.20
N THR B 169 -17.61 22.51 -16.42
CA THR B 169 -17.81 21.23 -17.04
C THR B 169 -16.47 20.60 -17.39
N VAL B 170 -15.62 21.38 -18.07
CA VAL B 170 -14.29 20.92 -18.43
C VAL B 170 -13.50 20.49 -17.19
N LYS B 171 -13.56 21.27 -16.14
CA LYS B 171 -12.83 20.94 -14.93
C LYS B 171 -13.25 19.56 -14.39
N SER B 172 -14.55 19.32 -14.31
CA SER B 172 -15.08 18.07 -13.78
C SER B 172 -14.83 16.90 -14.69
N LEU B 173 -15.13 17.08 -15.98
CA LEU B 173 -14.88 16.00 -16.94
C LEU B 173 -13.41 15.63 -17.06
N ASN B 174 -12.53 16.60 -16.79
CA ASN B 174 -11.10 16.33 -16.81
C ASN B 174 -10.73 15.34 -15.72
N VAL B 175 -11.46 15.39 -14.61
CA VAL B 175 -11.28 14.37 -13.59
C VAL B 175 -11.75 13.01 -14.09
N LEU B 176 -13.01 12.94 -14.53
CA LEU B 176 -13.55 11.70 -15.05
C LEU B 176 -12.71 11.13 -16.21
N THR B 177 -12.27 11.98 -17.12
CA THR B 177 -11.59 11.45 -18.30
C THR B 177 -10.13 11.13 -18.00
N SER B 178 -9.75 11.24 -16.73
CA SER B 178 -8.46 10.75 -16.22
C SER B 178 -8.56 9.31 -15.79
N ILE B 179 -9.80 8.82 -15.71
CA ILE B 179 -10.07 7.43 -15.40
C ILE B 179 -10.52 6.68 -16.65
N ALA B 180 -11.35 7.33 -17.46
CA ALA B 180 -11.94 6.66 -18.61
C ALA B 180 -12.51 7.64 -19.62
N ILE B 181 -12.33 7.35 -20.89
CA ILE B 181 -12.74 8.29 -21.92
C ILE B 181 -13.87 7.73 -22.75
N PRO B 182 -14.98 8.47 -22.80
CA PRO B 182 -16.13 8.07 -23.61
C PRO B 182 -15.81 8.25 -25.08
N LYS B 183 -16.38 7.42 -25.94
CA LYS B 183 -16.33 7.66 -27.37
C LYS B 183 -17.25 8.83 -27.76
N VAL B 184 -18.40 8.91 -27.11
CA VAL B 184 -19.38 9.92 -27.40
C VAL B 184 -19.86 10.48 -26.09
N ILE B 185 -20.04 11.80 -26.06
CA ILE B 185 -20.80 12.44 -25.02
C ILE B 185 -22.14 12.91 -25.61
N HIS B 186 -23.23 12.58 -24.93
CA HIS B 186 -24.56 13.07 -25.32
C HIS B 186 -25.08 14.07 -24.29
N SER B 187 -25.57 15.21 -24.78
CA SER B 187 -26.24 16.16 -23.90
C SER B 187 -27.37 16.89 -24.63
N ASP B 188 -28.12 17.68 -23.87
CA ASP B 188 -29.02 18.67 -24.45
C ASP B 188 -28.20 19.86 -24.95
N GLN B 189 -28.89 20.93 -25.36
CA GLN B 189 -28.22 22.08 -25.94
C GLN B 189 -27.99 23.16 -24.90
N GLY B 190 -27.75 22.73 -23.66
CA GLY B 190 -27.26 23.62 -22.63
C GLY B 190 -26.08 24.48 -23.09
N ALA B 191 -26.01 25.70 -22.56
CA ALA B 191 -24.97 26.64 -23.00
C ALA B 191 -23.57 26.07 -22.73
N ALA B 192 -23.38 25.49 -21.53
CA ALA B 192 -22.11 24.84 -21.19
C ALA B 192 -21.63 23.86 -22.26
N PHE B 193 -22.55 23.14 -22.90
CA PHE B 193 -22.17 22.01 -23.77
C PHE B 193 -22.07 22.41 -25.23
N THR B 194 -22.67 23.53 -25.61
CA THR B 194 -22.66 23.93 -27.02
C THR B 194 -21.60 25.01 -27.37
N SER B 195 -20.89 25.51 -26.36
CA SER B 195 -19.83 26.51 -26.56
C SER B 195 -18.72 25.98 -27.46
N SER B 196 -18.02 26.88 -28.13
CA SER B 196 -16.91 26.40 -28.96
C SER B 196 -15.73 25.88 -28.10
N THR B 197 -15.55 26.45 -26.90
CA THR B 197 -14.57 25.91 -25.97
C THR B 197 -14.84 24.43 -25.69
N PHE B 198 -16.08 24.10 -25.29
CA PHE B 198 -16.37 22.70 -25.02
C PHE B 198 -16.18 21.80 -26.24
N ALA B 199 -16.49 22.32 -27.41
CA ALA B 199 -16.28 21.57 -28.64
C ALA B 199 -14.80 21.28 -28.89
N GLU B 200 -13.93 22.26 -28.62
CA GLU B 200 -12.48 22.05 -28.81
C GLU B 200 -11.92 21.02 -27.80
N TRP B 201 -12.38 21.12 -26.54
CA TRP B 201 -12.00 20.17 -25.50
C TRP B 201 -12.29 18.72 -25.93
N ALA B 202 -13.48 18.50 -26.46
CA ALA B 202 -13.83 17.16 -26.88
C ALA B 202 -13.01 16.71 -28.08
N LYS B 203 -12.84 17.59 -29.05
CA LYS B 203 -12.04 17.27 -30.23
C LYS B 203 -10.61 16.86 -29.84
N GLU B 204 -10.02 17.59 -28.89
CA GLU B 204 -8.67 17.29 -28.41
C GLU B 204 -8.60 15.88 -27.87
N ARG B 205 -9.71 15.38 -27.35
CA ARG B 205 -9.70 14.06 -26.72
C ARG B 205 -10.31 12.97 -27.55
N GLY B 206 -10.61 13.27 -28.82
CA GLY B 206 -11.19 12.28 -29.70
C GLY B 206 -12.62 11.88 -29.35
N ILE B 207 -13.27 12.70 -28.52
CA ILE B 207 -14.65 12.47 -28.10
C ILE B 207 -15.67 13.12 -29.03
N HIS B 208 -16.54 12.33 -29.65
CA HIS B 208 -17.57 12.91 -30.50
C HIS B 208 -18.71 13.45 -29.63
N LEU B 209 -19.15 14.68 -29.90
CA LEU B 209 -20.30 15.28 -29.18
C LEU B 209 -21.63 15.08 -29.92
N GLU B 210 -22.69 14.94 -29.15
CA GLU B 210 -23.99 14.59 -29.71
C GLU B 210 -25.11 15.22 -28.91
N PHE B 211 -25.97 15.93 -29.63
CA PHE B 211 -27.00 16.74 -29.01
C PHE B 211 -28.40 16.23 -29.31
N SER B 212 -29.24 16.20 -28.27
CA SER B 212 -30.66 16.05 -28.46
C SER B 212 -31.14 17.36 -29.12
N THR B 213 -32.18 17.31 -29.95
CA THR B 213 -32.71 18.56 -30.55
C THR B 213 -33.34 19.43 -29.46
N PRO B 214 -33.35 20.75 -29.68
CA PRO B 214 -33.89 21.64 -28.63
C PRO B 214 -35.32 21.25 -28.28
N TYR B 215 -35.64 21.42 -26.99
CA TYR B 215 -36.98 21.14 -26.47
C TYR B 215 -37.40 19.65 -26.55
N HIS B 216 -36.62 18.80 -27.22
CA HIS B 216 -36.92 17.36 -27.36
C HIS B 216 -35.86 16.43 -26.70
N PRO B 217 -35.80 16.43 -25.36
CA PRO B 217 -34.79 15.63 -24.65
C PRO B 217 -34.97 14.14 -24.94
N GLN B 218 -33.87 13.45 -25.18
CA GLN B 218 -33.93 12.05 -25.53
C GLN B 218 -32.61 11.38 -25.18
N SER B 219 -32.66 10.08 -24.87
CA SER B 219 -31.47 9.34 -24.43
C SER B 219 -31.67 7.83 -24.55
N SER B 220 -32.13 7.20 -23.47
CA SER B 220 -32.54 5.80 -23.50
C SER B 220 -33.42 5.55 -22.29
N GLY B 221 -34.15 4.44 -22.31
CA GLY B 221 -35.00 4.09 -21.21
C GLY B 221 -34.20 3.98 -19.93
N LYS B 222 -33.12 3.20 -20.01
CA LYS B 222 -32.24 3.00 -18.88
C LYS B 222 -31.76 4.35 -18.34
N VAL B 223 -31.26 5.21 -19.24
CA VAL B 223 -30.73 6.50 -18.82
C VAL B 223 -31.79 7.44 -18.21
N GLU B 224 -32.91 7.59 -18.90
CA GLU B 224 -34.06 8.36 -18.39
C GLU B 224 -34.45 7.94 -16.97
N ARG B 225 -34.57 6.63 -16.77
CA ARG B 225 -34.99 6.12 -15.48
C ARG B 225 -33.92 6.38 -14.45
N LYS B 226 -32.68 6.17 -14.89
CA LYS B 226 -31.52 6.44 -14.03
C LYS B 226 -31.57 7.90 -13.60
N ASN B 227 -31.78 8.80 -14.57
CA ASN B 227 -31.87 10.24 -14.27
C ASN B 227 -33.04 10.61 -13.39
N SER B 228 -34.14 9.87 -13.54
CA SER B 228 -35.29 10.06 -12.68
C SER B 228 -34.89 9.72 -11.23
N ASP B 229 -34.31 8.52 -11.05
CA ASP B 229 -33.88 8.08 -9.72
C ASP B 229 -32.97 9.10 -9.04
N ILE B 230 -32.03 9.64 -9.81
CA ILE B 230 -31.07 10.60 -9.28
C ILE B 230 -31.76 11.82 -8.67
N LYS B 231 -32.66 12.46 -9.42
CA LYS B 231 -33.39 13.63 -8.91
C LYS B 231 -34.25 13.28 -7.68
N ARG B 232 -34.93 12.14 -7.73
CA ARG B 232 -35.79 11.75 -6.63
C ARG B 232 -34.97 11.53 -5.37
N LEU B 233 -33.88 10.77 -5.50
CA LEU B 233 -33.03 10.45 -4.37
C LEU B 233 -32.40 11.72 -3.77
N LEU B 234 -31.99 12.65 -4.63
CA LEU B 234 -31.45 13.90 -4.13
C LEU B 234 -32.47 14.63 -3.29
N THR B 235 -33.61 14.94 -3.91
CA THR B 235 -34.77 15.55 -3.26
C THR B 235 -35.07 14.92 -1.89
N LYS B 236 -35.06 13.60 -1.87
CA LYS B 236 -35.33 12.82 -0.68
C LYS B 236 -34.32 13.10 0.44
N LEU B 237 -33.06 13.37 0.08
CA LEU B 237 -32.02 13.58 1.10
C LEU B 237 -31.76 15.07 1.36
N LEU B 238 -31.97 15.90 0.33
CA LEU B 238 -32.00 17.35 0.50
C LEU B 238 -32.89 17.73 1.68
N VAL B 239 -34.17 17.38 1.59
CA VAL B 239 -35.16 17.67 2.65
C VAL B 239 -34.63 17.31 4.04
N GLY B 240 -34.76 18.26 4.97
CA GLY B 240 -34.26 18.07 6.31
C GLY B 240 -32.86 18.64 6.53
N ARG B 241 -32.05 18.65 5.48
CA ARG B 241 -30.66 19.12 5.57
C ARG B 241 -30.14 19.65 4.24
N PRO B 242 -30.88 20.59 3.63
CA PRO B 242 -30.72 20.98 2.22
C PRO B 242 -29.35 21.56 1.87
N THR B 243 -28.50 21.67 2.87
CA THR B 243 -27.24 22.37 2.71
C THR B 243 -26.07 21.41 2.90
N LYS B 244 -26.40 20.16 3.19
CA LYS B 244 -25.38 19.19 3.55
C LYS B 244 -25.17 18.15 2.43
N TRP B 245 -25.61 18.47 1.22
CA TRP B 245 -25.59 17.49 0.14
C TRP B 245 -24.20 17.18 -0.44
N TYR B 246 -23.31 18.17 -0.41
CA TYR B 246 -21.94 17.98 -0.87
C TYR B 246 -21.32 16.76 -0.18
N ASP B 247 -21.51 16.65 1.12
CA ASP B 247 -20.92 15.55 1.87
C ASP B 247 -21.59 14.22 1.53
N LEU B 248 -22.83 14.30 1.05
CA LEU B 248 -23.60 13.09 0.77
C LEU B 248 -23.40 12.55 -0.63
N LEU B 249 -22.78 13.34 -1.50
CA LEU B 249 -22.59 12.90 -2.87
C LEU B 249 -21.96 11.52 -3.02
N PRO B 250 -20.91 11.21 -2.24
CA PRO B 250 -20.38 9.85 -2.39
C PRO B 250 -21.41 8.73 -2.13
N VAL B 251 -22.05 8.74 -0.96
CA VAL B 251 -22.97 7.66 -0.63
C VAL B 251 -24.13 7.57 -1.63
N VAL B 252 -24.56 8.71 -2.15
CA VAL B 252 -25.55 8.70 -3.24
C VAL B 252 -25.12 7.87 -4.45
N GLN B 253 -23.89 8.07 -4.93
CA GLN B 253 -23.40 7.31 -6.07
C GLN B 253 -23.34 5.81 -5.81
N LEU B 254 -22.79 5.42 -4.66
CA LEU B 254 -22.75 4.00 -4.29
C LEU B 254 -24.16 3.41 -4.35
N ALA B 255 -25.10 4.16 -3.80
CA ALA B 255 -26.49 3.77 -3.78
C ALA B 255 -26.98 3.54 -5.20
N LEU B 256 -26.88 4.55 -6.05
CA LEU B 256 -27.32 4.42 -7.43
C LEU B 256 -26.66 3.28 -8.15
N ASN B 257 -25.38 3.05 -7.86
CA ASN B 257 -24.55 2.17 -8.69
C ASN B 257 -24.61 0.72 -8.19
N ASN B 258 -25.14 0.57 -6.98
CA ASN B 258 -25.41 -0.74 -6.43
C ASN B 258 -26.92 -1.02 -6.30
N THR B 259 -27.66 -0.39 -7.20
CA THR B 259 -29.09 -0.58 -7.37
C THR B 259 -29.35 -1.58 -8.49
N TYR B 260 -30.04 -2.66 -8.17
CA TYR B 260 -30.36 -3.68 -9.17
C TYR B 260 -31.24 -3.12 -10.33
N SER B 261 -30.90 -3.48 -11.57
CA SER B 261 -31.70 -3.10 -12.73
C SER B 261 -32.76 -4.19 -13.04
N PRO B 262 -34.04 -3.80 -13.14
CA PRO B 262 -35.05 -4.78 -13.53
C PRO B 262 -34.75 -5.41 -14.91
N VAL B 263 -34.50 -4.56 -15.91
CA VAL B 263 -34.26 -5.01 -17.29
C VAL B 263 -33.03 -5.91 -17.41
N LEU B 264 -31.82 -5.33 -17.41
CA LEU B 264 -30.59 -6.10 -17.28
C LEU B 264 -30.71 -6.75 -15.90
N LYS B 265 -30.10 -7.91 -15.67
CA LYS B 265 -30.30 -8.50 -14.35
C LYS B 265 -29.12 -8.18 -13.40
N TYR B 266 -28.55 -6.99 -13.53
CA TYR B 266 -27.35 -6.66 -12.78
C TYR B 266 -27.34 -5.21 -12.35
N THR B 267 -26.56 -4.89 -11.31
CA THR B 267 -26.29 -3.48 -10.96
C THR B 267 -25.22 -2.91 -11.89
N PRO B 268 -25.18 -1.57 -12.02
CA PRO B 268 -24.13 -0.89 -12.80
C PRO B 268 -22.72 -1.31 -12.34
N HIS B 269 -22.53 -1.34 -11.02
CA HIS B 269 -21.28 -1.85 -10.46
C HIS B 269 -20.89 -3.18 -11.11
N GLN B 270 -21.77 -4.17 -11.04
CA GLN B 270 -21.46 -5.47 -11.62
C GLN B 270 -21.13 -5.41 -13.11
N LEU B 271 -21.87 -4.59 -13.86
CA LEU B 271 -21.62 -4.51 -15.30
C LEU B 271 -20.31 -3.80 -15.68
N LEU B 272 -19.94 -2.84 -14.85
CA LEU B 272 -18.75 -2.05 -15.06
C LEU B 272 -17.49 -2.83 -14.68
N PHE B 273 -17.53 -3.53 -13.54
CA PHE B 273 -16.37 -4.21 -13.00
C PHE B 273 -16.34 -5.73 -13.12
N GLY B 274 -17.51 -6.35 -13.31
CA GLY B 274 -17.62 -7.79 -13.42
C GLY B 274 -17.46 -8.53 -12.09
N ILE B 275 -17.83 -7.88 -10.99
CA ILE B 275 -17.79 -8.49 -9.67
C ILE B 275 -18.93 -7.97 -8.81
N ASP B 276 -19.17 -8.64 -7.69
CA ASP B 276 -20.11 -8.13 -6.70
C ASP B 276 -19.39 -7.04 -5.96
N SER B 277 -20.12 -6.19 -5.26
CA SER B 277 -19.51 -5.06 -4.60
C SER B 277 -19.41 -5.30 -3.10
N ASN B 278 -18.63 -4.49 -2.40
CA ASN B 278 -18.52 -4.62 -0.96
C ASN B 278 -19.61 -3.80 -0.24
N THR B 279 -20.41 -3.10 -1.03
CA THR B 279 -21.55 -2.36 -0.50
C THR B 279 -22.79 -2.67 -1.34
N PRO B 280 -23.41 -3.83 -1.10
CA PRO B 280 -24.68 -4.12 -1.79
C PRO B 280 -25.73 -3.28 -1.11
N PHE B 281 -26.74 -2.83 -1.83
CA PHE B 281 -27.73 -2.02 -1.17
C PHE B 281 -29.00 -2.85 -1.15
N ALA B 282 -29.08 -3.67 -0.11
CA ALA B 282 -30.05 -4.76 -0.01
C ALA B 282 -31.47 -4.22 0.14
N ASN B 283 -31.58 -3.01 0.66
CA ASN B 283 -32.89 -2.37 0.81
C ASN B 283 -33.23 -1.44 -0.36
N GLN B 284 -33.90 -2.01 -1.37
CA GLN B 284 -34.47 -1.23 -2.46
C GLN B 284 -35.55 -0.33 -1.87
N ASP B 285 -35.14 0.86 -1.43
CA ASP B 285 -35.96 1.72 -0.55
C ASP B 285 -37.12 2.50 -1.19
N THR B 286 -37.68 3.41 -0.38
CA THR B 286 -38.89 4.12 -0.73
C THR B 286 -38.71 5.05 -1.92
N LEU B 287 -37.74 5.97 -1.79
CA LEU B 287 -37.51 7.07 -2.73
C LEU B 287 -38.64 8.12 -2.73
N ASP B 288 -39.79 7.73 -2.18
CA ASP B 288 -40.93 8.61 -2.00
C ASP B 288 -40.86 9.25 -0.61
N LEU B 289 -41.30 10.50 -0.53
CA LEU B 289 -41.22 11.27 0.70
C LEU B 289 -42.29 10.86 1.71
N THR B 290 -41.87 10.69 2.96
CA THR B 290 -42.77 10.39 4.06
C THR B 290 -43.66 11.59 4.35
N ARG B 291 -44.70 11.38 5.15
CA ARG B 291 -45.63 12.44 5.54
C ARG B 291 -44.89 13.66 6.10
N GLU B 292 -43.98 13.40 7.04
CA GLU B 292 -43.17 14.44 7.69
C GLU B 292 -42.38 15.31 6.71
N GLU B 293 -41.71 14.67 5.75
CA GLU B 293 -40.85 15.38 4.80
C GLU B 293 -41.64 16.23 3.82
N GLU B 294 -42.76 15.71 3.33
CA GLU B 294 -43.61 16.47 2.42
C GLU B 294 -43.97 17.78 3.09
N LEU B 295 -44.34 17.68 4.36
CA LEU B 295 -44.67 18.84 5.17
C LEU B 295 -43.48 19.81 5.26
N SER B 296 -42.29 19.29 5.58
CA SER B 296 -41.12 20.13 5.80
C SER B 296 -40.29 20.46 4.54
N LEU B 297 -40.62 19.83 3.41
CA LEU B 297 -40.10 20.27 2.11
C LEU B 297 -41.04 21.35 1.56
N LEU B 298 -42.30 21.28 1.97
CA LEU B 298 -43.25 22.35 1.70
C LEU B 298 -42.88 23.59 2.52
N GLN B 299 -42.27 23.37 3.69
CA GLN B 299 -41.78 24.47 4.53
C GLN B 299 -40.57 25.17 3.89
N GLU B 300 -39.59 24.37 3.47
CA GLU B 300 -38.41 24.87 2.78
C GLU B 300 -38.77 25.69 1.54
N ILE B 301 -39.67 25.16 0.71
CA ILE B 301 -40.17 25.88 -0.47
C ILE B 301 -41.20 26.95 -0.08
N ARG B 302 -40.86 27.75 0.93
CA ARG B 302 -41.69 28.86 1.40
C ARG B 302 -40.83 30.03 1.92
ZN ZN E . 32.76 -6.61 23.47
MN MN F . 4.90 6.38 3.26
MN MN G . 6.70 4.99 0.17
S SO4 H . 17.59 -1.17 24.25
O1 SO4 H . 17.17 0.05 23.55
O2 SO4 H . 16.97 -1.26 25.58
O3 SO4 H . 17.14 -2.31 23.45
O4 SO4 H . 19.06 -1.20 24.41
S SO4 I . -4.83 19.40 1.21
O1 SO4 I . -5.13 20.37 0.15
O2 SO4 I . -3.41 19.06 1.21
O3 SO4 I . -5.12 19.98 2.53
O4 SO4 I . -5.66 18.22 1.00
C1 GOL J . 2.87 26.22 -11.05
O1 GOL J . 3.01 24.82 -11.22
C2 GOL J . 3.61 26.57 -9.78
O2 GOL J . 3.34 27.90 -9.40
C3 GOL J . 5.10 26.32 -10.04
O3 GOL J . 5.27 25.18 -10.88
C1 GOL K . 47.17 -9.92 32.34
O1 GOL K . 46.06 -10.80 32.34
C2 GOL K . 47.68 -9.85 30.92
O2 GOL K . 47.92 -11.19 30.55
C3 GOL K . 48.93 -8.97 30.77
O3 GOL K . 49.33 -8.82 29.41
C1 GOL L . -0.33 -16.07 0.12
O1 GOL L . -1.21 -14.98 -0.03
C2 GOL L . 0.25 -16.00 1.54
O2 GOL L . 1.61 -15.55 1.54
C3 GOL L . -0.71 -15.23 2.47
O3 GOL L . -1.65 -14.42 1.78
C1 GOL M . -3.41 17.52 10.11
O1 GOL M . -4.58 18.18 9.67
C2 GOL M . -3.83 16.09 10.49
O2 GOL M . -5.07 15.91 9.82
C3 GOL M . -2.74 15.06 10.08
O3 GOL M . -2.69 13.88 10.87
S SO4 N . 9.66 -11.71 -10.24
O1 SO4 N . 10.77 -11.44 -9.31
O2 SO4 N . 9.56 -13.13 -10.59
O3 SO4 N . 8.39 -11.21 -9.67
O4 SO4 N . 9.95 -10.96 -11.44
C1 GOL O . -0.17 1.32 14.07
O1 GOL O . -1.46 1.92 14.15
C2 GOL O . -0.28 -0.17 14.43
O2 GOL O . -1.62 -0.56 14.25
C3 GOL O . 0.61 -1.05 13.55
O3 GOL O . 0.21 -2.41 13.68
O1 MES P . 6.16 10.10 3.58
C2 MES P . 6.85 9.82 4.81
C3 MES P . 7.53 11.08 5.32
N4 MES P . 6.54 12.14 5.56
C5 MES P . 5.83 12.38 4.31
C6 MES P . 5.16 11.12 3.80
C7 MES P . 5.58 11.67 6.58
C8 MES P . 6.23 11.64 7.97
S MES P . 4.97 11.13 9.21
O1S MES P . 4.72 9.63 9.08
O2S MES P . 3.68 11.89 8.96
O3S MES P . 5.50 11.44 10.61
MN MN Q . -30.05 20.28 -19.00
S SO4 R . -33.52 -0.38 -15.94
O1 SO4 R . -32.86 -0.82 -17.19
O2 SO4 R . -34.45 -1.40 -15.48
O3 SO4 R . -32.54 -0.13 -14.86
O4 SO4 R . -34.27 0.84 -16.23
O1 HEZ S . -17.36 10.32 -9.18
C1 HEZ S . -17.38 11.61 -8.66
C2 HEZ S . -17.43 11.80 -7.17
C3 HEZ S . -17.22 13.15 -6.55
C4 HEZ S . -17.81 13.36 -5.18
C5 HEZ S . -17.52 14.60 -4.40
C6 HEZ S . -17.25 14.41 -2.95
O6 HEZ S . -17.70 15.36 -2.05
C1 GOL T . -21.19 -9.84 -11.75
O1 GOL T . -21.14 -10.73 -10.63
C2 GOL T . -21.22 -10.60 -13.09
O2 GOL T . -19.93 -10.71 -13.62
C3 GOL T . -22.06 -9.91 -14.16
O3 GOL T . -21.94 -10.60 -15.40
C1 GOL U . 9.11 -9.49 -15.83
O1 GOL U . 8.48 -8.69 -16.82
C2 GOL U . 8.40 -9.40 -14.46
O2 GOL U . 9.01 -8.50 -13.52
C3 GOL U . 8.27 -10.82 -13.90
O3 GOL U . 7.58 -10.75 -12.66
C1 GOL V . 15.76 3.86 -2.13
O1 GOL V . 14.96 4.12 -3.28
C2 GOL V . 15.76 5.13 -1.26
O2 GOL V . 14.74 5.99 -1.74
C3 GOL V . 15.58 4.80 0.23
O3 GOL V . 14.65 5.66 0.87
C1 GOL W . 2.48 -8.58 -33.91
O1 GOL W . 2.65 -9.06 -32.59
C2 GOL W . 3.44 -9.29 -34.86
O2 GOL W . 3.21 -10.70 -34.99
C3 GOL W . 4.88 -9.00 -34.41
O3 GOL W . 5.16 -7.61 -34.49
#